data_1NO5
#
_entry.id   1NO5
#
_cell.length_a   89.56
_cell.length_b   89.56
_cell.length_c   61.48
_cell.angle_alpha   90.00
_cell.angle_beta   90.00
_cell.angle_gamma   120.00
#
_symmetry.space_group_name_H-M   'P 63'
#
loop_
_entity.id
_entity.type
_entity.pdbx_description
1 polymer 'Hypothetical protein HI0073'
2 non-polymer 'ZINC ION'
3 non-polymer GLYCEROL
4 non-polymer 'SULFATE ION'
5 non-polymer 'SODIUM ION'
6 water water
#
_entity_poly.entity_id   1
_entity_poly.type   'polypeptide(L)'
_entity_poly.pdbx_seq_one_letter_code
;MTSFAQLDIKSEELAIVKTILQQLVPDYTVWAFGSRVKGKAKKYSDLDLAIISEEPLDFLARDRLKEAFSESDLPWRVDL
LDWATTSEDFREIIRKVYVVIQEKEKTVEKPTAL
;
_entity_poly.pdbx_strand_id   A,B
#
loop_
_chem_comp.id
_chem_comp.type
_chem_comp.name
_chem_comp.formula
GOL non-polymer GLYCEROL 'C3 H8 O3'
NA non-polymer 'SODIUM ION' 'Na 1'
SO4 non-polymer 'SULFATE ION' 'O4 S -2'
ZN non-polymer 'ZINC ION' 'Zn 2'
#
# COMPACT_ATOMS: atom_id res chain seq x y z
N GLN A 6 7.35 -0.88 -17.41
CA GLN A 6 5.95 -0.48 -17.47
C GLN A 6 5.08 -1.69 -17.84
N LEU A 7 3.88 -1.36 -18.27
CA LEU A 7 2.84 -2.35 -18.47
C LEU A 7 2.75 -2.75 -19.94
N ASP A 8 3.28 -3.91 -20.30
CA ASP A 8 3.22 -4.42 -21.67
C ASP A 8 1.85 -5.03 -22.00
N ILE A 9 0.93 -4.14 -22.29
CA ILE A 9 -0.36 -4.44 -22.85
C ILE A 9 -0.67 -3.29 -23.83
N LYS A 10 -1.64 -3.56 -24.68
CA LYS A 10 -2.12 -2.62 -25.67
C LYS A 10 -3.03 -1.60 -25.02
N SER A 11 -2.99 -0.38 -25.55
CA SER A 11 -3.82 0.74 -25.21
C SER A 11 -5.29 0.36 -25.04
N GLU A 12 -5.78 -0.34 -26.05
CA GLU A 12 -7.18 -0.76 -26.12
C GLU A 12 -7.45 -1.81 -25.04
N GLU A 13 -6.48 -2.71 -24.87
CA GLU A 13 -6.59 -3.69 -23.79
C GLU A 13 -6.57 -2.98 -22.44
N LEU A 14 -5.74 -1.98 -22.21
CA LEU A 14 -5.76 -1.33 -20.89
C LEU A 14 -7.11 -0.69 -20.61
N ALA A 15 -7.69 -0.06 -21.65
CA ALA A 15 -9.00 0.55 -21.34
C ALA A 15 -10.05 -0.51 -21.05
N ILE A 16 -10.06 -1.66 -21.76
CA ILE A 16 -10.99 -2.73 -21.42
C ILE A 16 -10.85 -3.18 -19.97
N VAL A 17 -9.62 -3.48 -19.57
CA VAL A 17 -9.36 -3.81 -18.16
C VAL A 17 -9.84 -2.69 -17.22
N LYS A 18 -9.45 -1.48 -17.59
CA LYS A 18 -9.79 -0.32 -16.77
C LYS A 18 -11.30 -0.21 -16.64
N THR A 19 -12.08 -0.50 -17.69
CA THR A 19 -13.53 -0.36 -17.52
C THR A 19 -14.13 -1.41 -16.61
N ILE A 20 -13.70 -2.65 -16.83
CA ILE A 20 -14.24 -3.74 -16.01
C ILE A 20 -13.99 -3.51 -14.52
N LEU A 21 -12.81 -3.05 -14.15
CA LEU A 21 -12.43 -2.86 -12.74
C LEU A 21 -13.25 -1.75 -12.11
N GLN A 22 -13.44 -0.69 -12.87
CA GLN A 22 -14.28 0.40 -12.35
C GLN A 22 -15.73 -0.01 -12.23
N GLN A 23 -16.24 -0.88 -13.09
CA GLN A 23 -17.65 -1.22 -12.88
C GLN A 23 -17.86 -2.31 -11.85
N LEU A 24 -16.91 -3.20 -11.65
CA LEU A 24 -17.17 -4.31 -10.75
C LEU A 24 -16.50 -4.16 -9.39
N VAL A 25 -15.34 -3.51 -9.29
CA VAL A 25 -14.66 -3.38 -7.98
C VAL A 25 -14.10 -1.96 -7.82
N PRO A 26 -14.91 -0.93 -7.90
CA PRO A 26 -14.35 0.44 -7.88
C PRO A 26 -13.88 0.77 -6.46
N ASP A 27 -14.33 0.03 -5.44
CA ASP A 27 -13.75 0.28 -4.11
C ASP A 27 -12.50 -0.54 -3.83
N TYR A 28 -11.81 -0.91 -4.92
CA TYR A 28 -10.59 -1.67 -4.72
C TYR A 28 -9.47 -1.04 -5.49
N THR A 29 -8.30 -0.96 -4.86
CA THR A 29 -7.04 -0.66 -5.55
C THR A 29 -6.57 -1.91 -6.30
N VAL A 30 -6.06 -1.73 -7.50
CA VAL A 30 -5.58 -2.85 -8.33
C VAL A 30 -4.21 -2.52 -8.92
N TRP A 31 -3.25 -3.42 -8.78
CA TRP A 31 -1.89 -3.43 -9.21
C TRP A 31 -1.68 -4.57 -10.23
N ALA A 32 -1.02 -4.27 -11.33
CA ALA A 32 -0.53 -5.27 -12.29
C ALA A 32 0.85 -5.70 -11.85
N PHE A 33 1.18 -6.98 -11.85
CA PHE A 33 2.55 -7.42 -11.54
C PHE A 33 2.99 -8.55 -12.46
N GLY A 34 4.05 -9.30 -12.25
CA GLY A 34 4.25 -10.42 -13.18
C GLY A 34 4.94 -10.07 -14.48
N SER A 35 4.99 -10.98 -15.46
CA SER A 35 5.93 -10.82 -16.58
C SER A 35 5.55 -9.60 -17.38
N ARG A 36 4.26 -9.23 -17.31
CA ARG A 36 3.96 -8.01 -18.10
C ARG A 36 4.46 -6.74 -17.42
N VAL A 37 4.97 -6.69 -16.19
CA VAL A 37 5.48 -5.38 -15.75
C VAL A 37 7.01 -5.45 -15.82
N LYS A 38 7.49 -6.63 -16.19
CA LYS A 38 8.90 -6.95 -16.10
C LYS A 38 9.55 -7.06 -17.48
N GLY A 39 8.92 -6.46 -18.48
CA GLY A 39 9.42 -6.61 -19.83
C GLY A 39 9.57 -8.03 -20.32
N LYS A 40 9.04 -9.07 -19.68
CA LYS A 40 9.33 -10.41 -20.23
C LYS A 40 8.11 -11.12 -20.82
N ALA A 41 7.11 -10.35 -21.27
CA ALA A 41 5.85 -10.85 -21.74
C ALA A 41 5.94 -11.55 -23.11
N LYS A 42 5.42 -12.76 -23.15
CA LYS A 42 5.15 -13.59 -24.33
C LYS A 42 3.75 -13.36 -24.77
N LYS A 43 3.41 -13.67 -25.99
CA LYS A 43 2.08 -13.42 -26.52
C LYS A 43 0.90 -13.91 -25.69
N TYR A 44 1.01 -15.12 -25.19
CA TYR A 44 -0.11 -15.69 -24.42
C TYR A 44 0.19 -15.65 -22.94
N SER A 45 1.14 -14.80 -22.50
CA SER A 45 1.32 -14.61 -21.05
C SER A 45 0.05 -14.03 -20.43
N ASP A 46 -0.27 -14.52 -19.21
CA ASP A 46 -1.44 -13.92 -18.56
C ASP A 46 -1.10 -12.48 -18.13
N LEU A 47 -2.10 -11.81 -17.57
CA LEU A 47 -1.96 -10.51 -16.94
C LEU A 47 -2.18 -10.74 -15.45
N ASP A 48 -1.17 -10.62 -14.60
CA ASP A 48 -1.38 -10.82 -13.16
C ASP A 48 -1.87 -9.57 -12.46
N LEU A 49 -3.03 -9.57 -11.82
CA LEU A 49 -3.60 -8.37 -11.19
C LEU A 49 -3.80 -8.66 -9.69
N ALA A 50 -3.22 -7.84 -8.83
CA ALA A 50 -3.50 -7.93 -7.40
C ALA A 50 -4.67 -7.00 -7.07
N ILE A 51 -5.72 -7.54 -6.49
CA ILE A 51 -6.92 -6.85 -6.03
C ILE A 51 -6.65 -6.54 -4.54
N ILE A 52 -6.48 -5.27 -4.25
CA ILE A 52 -5.94 -4.91 -2.93
C ILE A 52 -7.06 -4.59 -1.94
N SER A 53 -7.04 -5.38 -0.87
CA SER A 53 -7.91 -5.10 0.23
C SER A 53 -7.39 -5.96 1.40
N GLU A 54 -8.13 -5.71 2.45
CA GLU A 54 -8.12 -6.08 3.82
C GLU A 54 -8.50 -7.57 3.92
N GLU A 55 -9.75 -7.81 3.63
CA GLU A 55 -10.52 -9.03 3.74
C GLU A 55 -10.86 -9.62 2.36
N PRO A 56 -10.80 -10.94 2.28
CA PRO A 56 -11.02 -11.67 1.04
C PRO A 56 -12.24 -11.13 0.29
N LEU A 57 -11.94 -10.77 -0.96
CA LEU A 57 -12.90 -10.39 -1.98
C LEU A 57 -14.18 -11.22 -1.82
N ASP A 58 -15.30 -10.53 -1.70
CA ASP A 58 -16.62 -11.12 -1.75
C ASP A 58 -16.70 -12.00 -3.00
N PHE A 59 -17.05 -13.25 -2.81
CA PHE A 59 -17.15 -14.32 -3.79
C PHE A 59 -17.91 -13.85 -5.03
N LEU A 60 -18.92 -13.04 -4.73
CA LEU A 60 -19.86 -12.73 -5.79
C LEU A 60 -19.17 -11.77 -6.77
N ALA A 61 -18.51 -10.75 -6.27
CA ALA A 61 -17.80 -9.74 -7.05
C ALA A 61 -16.60 -10.36 -7.78
N ARG A 62 -16.02 -11.40 -7.18
CA ARG A 62 -15.00 -12.23 -7.72
C ARG A 62 -15.50 -12.92 -9.00
N ASP A 63 -16.58 -13.66 -8.83
CA ASP A 63 -17.20 -14.37 -9.95
C ASP A 63 -17.46 -13.46 -11.14
N ARG A 64 -18.01 -12.31 -10.79
CA ARG A 64 -18.44 -11.32 -11.75
C ARG A 64 -17.22 -10.74 -12.43
N LEU A 65 -16.10 -10.74 -11.70
CA LEU A 65 -14.90 -10.24 -12.37
C LEU A 65 -14.41 -11.24 -13.43
N LYS A 66 -14.35 -12.50 -13.04
CA LYS A 66 -13.89 -13.57 -13.89
C LYS A 66 -14.79 -13.65 -15.13
N GLU A 67 -16.07 -13.50 -14.85
CA GLU A 67 -17.07 -13.49 -15.93
C GLU A 67 -16.77 -12.38 -16.91
N ALA A 68 -16.66 -11.14 -16.41
CA ALA A 68 -16.39 -9.98 -17.26
C ALA A 68 -15.10 -10.13 -18.05
N PHE A 69 -14.05 -10.68 -17.44
CA PHE A 69 -12.80 -10.80 -18.19
C PHE A 69 -12.91 -11.91 -19.25
N SER A 70 -13.52 -13.04 -18.89
CA SER A 70 -13.67 -14.13 -19.87
C SER A 70 -14.59 -13.68 -21.02
N GLU A 71 -15.60 -12.86 -20.77
CA GLU A 71 -16.46 -12.35 -21.83
C GLU A 71 -15.80 -11.30 -22.69
N SER A 72 -14.74 -10.64 -22.23
CA SER A 72 -14.15 -9.53 -22.99
C SER A 72 -13.35 -9.97 -24.19
N ASP A 73 -12.93 -8.99 -24.99
CA ASP A 73 -12.08 -9.27 -26.12
C ASP A 73 -10.60 -9.43 -25.83
N LEU A 74 -10.18 -9.58 -24.56
CA LEU A 74 -8.72 -9.70 -24.36
C LEU A 74 -8.19 -11.02 -24.87
N PRO A 75 -7.02 -11.00 -25.49
CA PRO A 75 -6.48 -12.22 -26.09
C PRO A 75 -5.66 -13.06 -25.12
N TRP A 76 -5.63 -12.69 -23.84
CA TRP A 76 -5.00 -13.58 -22.87
C TRP A 76 -5.83 -13.59 -21.58
N ARG A 77 -5.37 -14.37 -20.62
CA ARG A 77 -6.15 -14.56 -19.37
C ARG A 77 -5.77 -13.53 -18.33
N VAL A 78 -6.73 -13.12 -17.53
CA VAL A 78 -6.43 -12.20 -16.41
C VAL A 78 -6.39 -13.06 -15.14
N ASP A 79 -5.26 -13.12 -14.46
CA ASP A 79 -5.01 -13.98 -13.30
C ASP A 79 -5.20 -13.11 -12.05
N LEU A 80 -6.31 -13.27 -11.35
CA LEU A 80 -6.61 -12.46 -10.16
C LEU A 80 -5.93 -12.97 -8.90
N LEU A 81 -5.22 -12.12 -8.16
CA LEU A 81 -4.61 -12.51 -6.89
C LEU A 81 -5.34 -11.74 -5.78
N ASP A 82 -5.68 -12.42 -4.70
CA ASP A 82 -6.35 -11.78 -3.55
C ASP A 82 -5.28 -11.34 -2.53
N TRP A 83 -5.00 -10.03 -2.48
CA TRP A 83 -3.99 -9.53 -1.52
C TRP A 83 -4.33 -9.98 -0.09
N ALA A 84 -5.59 -9.94 0.26
CA ALA A 84 -5.90 -10.32 1.66
C ALA A 84 -5.50 -11.74 2.01
N THR A 85 -5.33 -12.64 1.03
CA THR A 85 -5.00 -14.00 1.50
C THR A 85 -3.65 -14.38 0.94
N THR A 86 -2.97 -13.30 0.51
CA THR A 86 -1.62 -13.51 0.01
C THR A 86 -0.57 -13.38 1.11
N SER A 87 0.43 -14.25 1.15
CA SER A 87 1.40 -14.28 2.24
C SER A 87 2.37 -13.11 2.15
N GLU A 88 3.01 -12.81 3.27
CA GLU A 88 3.90 -11.66 3.34
C GLU A 88 5.08 -11.78 2.38
N ASP A 89 5.70 -12.97 2.31
CA ASP A 89 6.80 -13.20 1.42
C ASP A 89 6.48 -12.84 -0.03
N PHE A 90 5.31 -13.27 -0.48
CA PHE A 90 4.77 -12.95 -1.79
C PHE A 90 4.38 -11.46 -1.94
N ARG A 91 3.64 -10.83 -1.08
CA ARG A 91 3.49 -9.38 -1.02
C ARG A 91 4.82 -8.67 -1.20
N GLU A 92 5.90 -9.03 -0.55
CA GLU A 92 7.19 -8.34 -0.67
C GLU A 92 7.72 -8.43 -2.10
N ILE A 93 7.49 -9.57 -2.76
CA ILE A 93 7.95 -9.70 -4.14
C ILE A 93 7.09 -8.85 -5.06
N ILE A 94 5.78 -8.87 -4.85
CA ILE A 94 4.96 -7.96 -5.67
C ILE A 94 5.34 -6.49 -5.49
N ARG A 95 5.64 -6.06 -4.27
CA ARG A 95 5.99 -4.64 -4.07
C ARG A 95 7.28 -4.23 -4.77
N LYS A 96 8.23 -5.10 -5.08
CA LYS A 96 9.42 -4.72 -5.82
C LYS A 96 9.12 -4.11 -7.18
N VAL A 97 8.08 -4.61 -7.85
CA VAL A 97 7.84 -4.12 -9.20
C VAL A 97 6.35 -4.30 -9.51
N TYR A 98 5.64 -3.21 -9.76
CA TYR A 98 4.21 -3.31 -10.08
C TYR A 98 3.80 -2.02 -10.74
N VAL A 99 2.67 -2.04 -11.38
CA VAL A 99 2.06 -0.88 -11.97
C VAL A 99 0.66 -0.66 -11.45
N VAL A 100 0.39 0.53 -10.90
CA VAL A 100 -0.98 0.75 -10.45
C VAL A 100 -1.97 0.94 -11.59
N ILE A 101 -3.05 0.16 -11.52
CA ILE A 101 -4.06 0.18 -12.59
C ILE A 101 -5.22 1.07 -12.20
N GLN A 102 -5.59 0.93 -10.93
CA GLN A 102 -6.70 1.65 -10.33
C GLN A 102 -6.51 1.82 -8.82
N GLU A 103 -6.87 2.97 -8.25
CA GLU A 103 -6.80 3.05 -6.79
C GLU A 103 -8.20 3.03 -6.22
N LYS A 104 -8.40 2.66 -4.97
CA LYS A 104 -9.76 2.76 -4.44
C LYS A 104 -10.15 4.24 -4.54
N GLU A 105 -11.38 4.51 -4.99
CA GLU A 105 -11.78 5.93 -5.10
C GLU A 105 -11.68 6.64 -3.76
N PHE B 4 -1.36 2.21 3.22
CA PHE B 4 -1.89 1.36 2.14
C PHE B 4 -0.96 0.15 1.92
N ALA B 5 -1.16 -0.57 0.83
CA ALA B 5 -0.46 -1.84 0.63
C ALA B 5 0.98 -1.73 0.25
N GLN B 6 1.48 -0.61 -0.31
CA GLN B 6 2.91 -0.56 -0.56
C GLN B 6 3.66 -0.40 0.79
N LEU B 7 3.02 0.03 1.85
CA LEU B 7 3.73 0.00 3.15
C LEU B 7 4.03 -1.41 3.63
N ASP B 8 5.27 -1.72 3.91
CA ASP B 8 5.76 -3.02 4.27
C ASP B 8 5.52 -3.32 5.76
N ILE B 9 4.28 -3.66 6.05
CA ILE B 9 3.81 -3.82 7.41
C ILE B 9 2.67 -4.84 7.39
N LYS B 10 2.54 -5.67 8.41
CA LYS B 10 1.49 -6.68 8.48
C LYS B 10 0.23 -6.06 9.02
N SER B 11 -0.95 -6.63 8.72
CA SER B 11 -2.13 -5.94 9.11
C SER B 11 -2.23 -5.68 10.61
N GLU B 12 -1.85 -6.63 11.46
CA GLU B 12 -1.96 -6.34 12.88
C GLU B 12 -0.92 -5.30 13.33
N GLU B 13 0.25 -5.32 12.69
CA GLU B 13 1.25 -4.29 13.05
C GLU B 13 0.67 -2.91 12.75
N LEU B 14 -0.01 -2.74 11.62
CA LEU B 14 -0.66 -1.46 11.29
C LEU B 14 -1.77 -1.13 12.27
N ALA B 15 -2.56 -2.14 12.71
CA ALA B 15 -3.55 -1.87 13.76
C ALA B 15 -2.95 -1.33 15.05
N ILE B 16 -1.84 -1.95 15.46
CA ILE B 16 -1.13 -1.51 16.65
C ILE B 16 -0.70 -0.04 16.53
N VAL B 17 -0.10 0.26 15.41
CA VAL B 17 0.38 1.65 15.20
C VAL B 17 -0.73 2.63 15.19
N LYS B 18 -1.76 2.32 14.38
CA LYS B 18 -2.91 3.19 14.34
C LYS B 18 -3.58 3.32 15.70
N THR B 19 -3.62 2.19 16.42
CA THR B 19 -4.27 2.39 17.72
C THR B 19 -3.48 3.26 18.67
N ILE B 20 -2.15 3.12 18.66
CA ILE B 20 -1.37 3.99 19.59
C ILE B 20 -1.47 5.45 19.21
N LEU B 21 -1.46 5.69 17.88
CA LEU B 21 -1.55 7.08 17.41
C LEU B 21 -2.88 7.72 17.78
N GLN B 22 -3.91 6.89 17.59
CA GLN B 22 -5.24 7.48 17.77
C GLN B 22 -5.47 7.67 19.26
N GLN B 23 -4.86 6.85 20.12
CA GLN B 23 -4.87 6.94 21.57
C GLN B 23 -4.02 8.09 22.12
N LEU B 24 -2.82 8.32 21.62
CA LEU B 24 -1.92 9.35 22.13
C LEU B 24 -1.83 10.59 21.23
N VAL B 25 -2.06 10.59 19.92
CA VAL B 25 -1.99 11.87 19.20
C VAL B 25 -3.15 11.92 18.22
N PRO B 26 -4.38 11.88 18.77
CA PRO B 26 -5.58 11.73 17.95
C PRO B 26 -5.82 12.90 16.99
N ASP B 27 -5.26 14.07 17.28
CA ASP B 27 -5.54 15.20 16.40
C ASP B 27 -4.46 15.49 15.39
N TYR B 28 -3.45 14.63 15.27
CA TYR B 28 -2.31 14.90 14.38
C TYR B 28 -2.47 14.08 13.12
N THR B 29 -2.15 14.66 11.98
CA THR B 29 -1.98 13.83 10.79
C THR B 29 -0.63 13.14 10.92
N VAL B 30 -0.55 11.87 10.49
CA VAL B 30 0.71 11.10 10.56
C VAL B 30 0.97 10.37 9.26
N TRP B 31 2.17 10.53 8.69
CA TRP B 31 2.53 9.82 7.49
C TRP B 31 3.55 8.73 7.72
N ALA B 32 3.65 7.69 6.96
CA ALA B 32 4.76 6.75 7.01
C ALA B 32 5.65 7.04 5.81
N PHE B 33 6.94 6.98 5.94
CA PHE B 33 7.88 7.32 4.85
C PHE B 33 9.11 6.44 5.00
N GLY B 34 10.18 6.57 4.25
CA GLY B 34 11.40 5.81 4.45
C GLY B 34 11.35 4.40 3.84
N SER B 35 12.25 3.51 4.25
CA SER B 35 12.40 2.28 3.45
C SER B 35 11.23 1.33 3.47
N ARG B 36 10.38 1.40 4.49
CA ARG B 36 9.21 0.51 4.48
C ARG B 36 8.19 0.91 3.47
N VAL B 37 8.26 2.18 3.01
CA VAL B 37 7.40 2.55 1.91
C VAL B 37 8.09 2.30 0.57
N LYS B 38 9.43 2.42 0.67
CA LYS B 38 10.21 2.27 -0.55
C LYS B 38 11.61 1.89 -0.09
N GLY B 39 11.92 0.64 -0.40
CA GLY B 39 13.19 0.05 -0.06
C GLY B 39 13.17 -1.46 -0.10
N LYS B 40 14.37 -2.00 0.09
CA LYS B 40 14.51 -3.44 0.33
C LYS B 40 13.77 -3.81 1.61
N ALA B 41 12.85 -4.77 1.49
CA ALA B 41 12.24 -5.24 2.74
C ALA B 41 13.33 -5.84 3.59
N LYS B 42 13.60 -5.22 4.74
CA LYS B 42 14.62 -5.87 5.60
C LYS B 42 13.88 -6.08 6.89
N LYS B 43 14.07 -7.15 7.64
CA LYS B 43 13.05 -7.42 8.67
C LYS B 43 13.25 -6.52 9.87
N TYR B 44 14.52 -6.16 10.06
CA TYR B 44 14.98 -5.32 11.12
C TYR B 44 14.91 -3.82 10.83
N SER B 45 14.49 -3.34 9.68
CA SER B 45 14.52 -1.86 9.47
C SER B 45 13.48 -1.19 10.36
N ASP B 46 13.69 0.05 10.80
CA ASP B 46 12.66 0.71 11.58
C ASP B 46 11.42 1.02 10.74
N LEU B 47 10.44 1.61 11.41
CA LEU B 47 9.28 2.20 10.70
C LEU B 47 9.33 3.71 10.96
N ASP B 48 9.40 4.48 9.91
CA ASP B 48 9.52 5.94 10.07
C ASP B 48 8.18 6.63 9.96
N LEU B 49 7.78 7.38 10.96
CA LEU B 49 6.54 8.16 10.99
C LEU B 49 6.83 9.67 11.11
N ALA B 50 6.14 10.38 10.21
CA ALA B 50 6.22 11.84 10.26
C ALA B 50 4.96 12.36 10.93
N ILE B 51 5.11 13.03 12.06
CA ILE B 51 3.95 13.68 12.66
C ILE B 51 3.80 15.03 12.00
N ILE B 52 2.74 15.22 11.25
CA ILE B 52 2.57 16.42 10.45
C ILE B 52 1.94 17.52 11.28
N SER B 53 2.80 18.44 11.73
CA SER B 53 2.32 19.59 12.48
C SER B 53 3.15 20.79 12.04
N GLU B 54 2.77 22.04 12.21
CA GLU B 54 3.78 23.09 11.97
C GLU B 54 4.37 23.47 13.31
N GLU B 55 3.79 22.87 14.35
CA GLU B 55 4.39 23.06 15.67
C GLU B 55 4.90 21.72 16.16
N PRO B 56 6.07 21.71 16.80
CA PRO B 56 6.63 20.46 17.29
C PRO B 56 5.74 19.87 18.40
N LEU B 57 5.58 18.56 18.32
CA LEU B 57 4.91 17.72 19.27
C LEU B 57 5.41 17.98 20.69
N ASP B 58 4.56 18.21 21.68
CA ASP B 58 4.96 18.36 23.08
C ASP B 58 5.85 17.23 23.59
N PHE B 59 6.73 17.51 24.54
CA PHE B 59 7.70 16.58 25.07
C PHE B 59 6.96 15.35 25.59
N LEU B 60 5.89 15.66 26.30
CA LEU B 60 5.21 14.59 27.00
C LEU B 60 4.59 13.63 25.98
N ALA B 61 4.00 14.12 24.89
CA ALA B 61 3.34 13.24 23.91
C ALA B 61 4.46 12.45 23.24
N ARG B 62 5.57 13.13 22.93
CA ARG B 62 6.68 12.44 22.30
C ARG B 62 7.23 11.31 23.18
N ASP B 63 7.26 11.56 24.47
CA ASP B 63 7.84 10.59 25.40
C ASP B 63 6.88 9.41 25.60
N ARG B 64 5.59 9.71 25.61
CA ARG B 64 4.65 8.59 25.78
C ARG B 64 4.61 7.70 24.52
N LEU B 65 4.70 8.35 23.36
CA LEU B 65 4.68 7.60 22.10
C LEU B 65 5.86 6.66 22.05
N LYS B 66 7.04 7.12 22.51
CA LYS B 66 8.24 6.33 22.50
C LYS B 66 8.08 5.13 23.43
N GLU B 67 7.59 5.38 24.63
CA GLU B 67 7.38 4.23 25.54
C GLU B 67 6.25 3.32 24.96
N ALA B 68 5.16 3.89 24.47
CA ALA B 68 4.06 3.07 23.93
C ALA B 68 4.56 2.18 22.80
N PHE B 69 5.22 2.75 21.77
CA PHE B 69 5.71 1.86 20.73
C PHE B 69 6.70 0.84 21.28
N SER B 70 7.65 1.25 22.13
CA SER B 70 8.64 0.30 22.59
C SER B 70 8.04 -0.90 23.33
N GLU B 71 6.91 -0.66 23.99
CA GLU B 71 6.30 -1.70 24.82
C GLU B 71 5.23 -2.46 24.06
N SER B 72 5.07 -2.14 22.78
CA SER B 72 4.04 -2.80 21.96
C SER B 72 4.58 -4.10 21.42
N ASP B 73 3.78 -4.94 20.74
CA ASP B 73 4.29 -6.18 20.15
C ASP B 73 5.02 -5.96 18.84
N LEU B 74 5.16 -4.72 18.36
CA LEU B 74 5.89 -4.53 17.09
C LEU B 74 7.30 -5.10 17.17
N PRO B 75 7.76 -5.81 16.13
CA PRO B 75 9.04 -6.48 16.16
C PRO B 75 10.18 -5.55 15.72
N TRP B 76 9.90 -4.29 15.38
CA TRP B 76 10.99 -3.35 15.01
C TRP B 76 10.73 -1.98 15.67
N ARG B 77 11.72 -1.09 15.63
CA ARG B 77 11.71 0.27 16.14
C ARG B 77 10.78 1.20 15.36
N VAL B 78 10.08 2.06 16.09
CA VAL B 78 9.32 3.12 15.43
C VAL B 78 10.14 4.42 15.57
N ASP B 79 10.37 5.12 14.46
CA ASP B 79 11.30 6.28 14.46
C ASP B 79 10.45 7.50 14.16
N LEU B 80 10.32 8.44 15.12
CA LEU B 80 9.41 9.59 14.92
C LEU B 80 10.11 10.83 14.37
N LEU B 81 9.57 11.36 13.30
CA LEU B 81 10.13 12.61 12.76
C LEU B 81 9.18 13.75 13.06
N ASP B 82 9.73 14.90 13.49
CA ASP B 82 8.92 16.11 13.69
C ASP B 82 8.92 16.93 12.41
N TRP B 83 7.76 17.03 11.74
CA TRP B 83 7.64 17.84 10.55
C TRP B 83 8.06 19.28 10.87
N ALA B 84 7.68 19.68 12.07
CA ALA B 84 7.81 21.10 12.44
C ALA B 84 9.26 21.53 12.39
N THR B 85 10.22 20.66 12.65
CA THR B 85 11.63 21.00 12.57
C THR B 85 12.38 20.33 11.42
N THR B 86 11.66 20.02 10.36
CA THR B 86 12.23 19.40 9.17
C THR B 86 12.36 20.40 8.03
N SER B 87 13.50 20.38 7.37
CA SER B 87 13.82 21.40 6.37
C SER B 87 12.91 21.30 5.17
N GLU B 88 12.70 22.40 4.41
CA GLU B 88 11.87 22.28 3.21
C GLU B 88 12.34 21.17 2.28
N ASP B 89 13.64 21.17 2.07
CA ASP B 89 14.19 20.13 1.20
C ASP B 89 13.89 18.68 1.62
N PHE B 90 14.01 18.32 2.89
CA PHE B 90 13.72 16.92 3.24
C PHE B 90 12.21 16.71 3.25
N ARG B 91 11.46 17.77 3.53
CA ARG B 91 10.00 17.70 3.42
C ARG B 91 9.60 17.29 2.01
N GLU B 92 10.24 17.82 0.94
CA GLU B 92 9.73 17.40 -0.38
C GLU B 92 10.20 15.99 -0.79
N ILE B 93 11.32 15.58 -0.24
CA ILE B 93 11.90 14.23 -0.30
C ILE B 93 10.82 13.31 0.30
N ILE B 94 10.33 13.62 1.50
CA ILE B 94 9.23 12.80 2.02
C ILE B 94 7.96 12.89 1.23
N ARG B 95 7.61 14.08 0.74
CA ARG B 95 6.40 14.25 0.00
C ARG B 95 6.48 13.40 -1.28
N LYS B 96 7.66 13.05 -1.76
CA LYS B 96 7.76 12.20 -2.97
C LYS B 96 7.15 10.82 -2.73
N VAL B 97 7.35 10.32 -1.50
CA VAL B 97 6.70 9.00 -1.30
C VAL B 97 6.49 8.77 0.19
N TYR B 98 5.18 8.78 0.45
CA TYR B 98 4.67 8.46 1.76
C TYR B 98 3.30 7.81 1.68
N VAL B 99 2.82 7.27 2.78
CA VAL B 99 1.45 6.77 2.89
C VAL B 99 0.82 7.36 4.14
N VAL B 100 -0.41 7.82 4.04
CA VAL B 100 -1.04 8.44 5.20
C VAL B 100 -1.47 7.35 6.17
N ILE B 101 -1.09 7.52 7.44
CA ILE B 101 -1.51 6.48 8.39
C ILE B 101 -2.75 6.93 9.16
N GLN B 102 -2.69 8.19 9.53
CA GLN B 102 -3.74 8.87 10.27
C GLN B 102 -3.99 10.26 9.68
N GLU B 103 -5.27 10.53 9.49
CA GLU B 103 -5.69 11.86 9.03
C GLU B 103 -6.33 12.54 10.23
N LYS B 104 -5.90 13.76 10.57
CA LYS B 104 -6.41 14.31 11.83
C LYS B 104 -7.88 14.65 11.74
N GLU B 105 -8.60 14.64 12.86
CA GLU B 105 -9.99 15.11 12.85
C GLU B 105 -10.03 16.63 12.81
ZN ZN C . 2.01 -14.00 -15.31
ZN ZN D . -0.26 -15.69 -13.38
ZN ZN E . -3.41 -16.96 -10.01
ZN ZN F . 2.52 -15.75 -12.04
ZN ZN G . 6.73 -7.44 4.75
C1 GOL H . -1.71 -11.73 4.99
O1 GOL H . -0.50 -12.19 4.44
C2 GOL H . -2.79 -12.83 5.19
O2 GOL H . -3.07 -12.91 6.61
C3 GOL H . -2.24 -14.21 4.76
O3 GOL H . -1.34 -14.73 5.79
ZN ZN I . 13.97 3.76 8.18
ZN ZN J . 14.34 6.03 10.80
ZN ZN K . 7.73 1.61 30.35
S SO4 L . 7.42 0.89 33.41
O1 SO4 L . 8.87 1.07 33.56
O2 SO4 L . 6.84 -0.05 34.35
O3 SO4 L . 7.07 0.54 32.02
O4 SO4 L . 6.74 2.18 33.66
S SO4 M . 10.30 2.96 31.28
O1 SO4 M . 9.66 3.40 32.55
O2 SO4 M . 10.49 4.13 30.46
O3 SO4 M . 9.63 1.85 30.58
O4 SO4 M . 11.61 2.40 31.69
NA NA N . 8.76 3.59 33.90
#